data_5ZY8
#
_entry.id   5ZY8
#
_cell.length_a   119.417
_cell.length_b   119.417
_cell.length_c   99.177
_cell.angle_alpha   90.000
_cell.angle_beta   90.000
_cell.angle_gamma   120.000
#
_symmetry.space_group_name_H-M   'P 31 2 1'
#
loop_
_entity.id
_entity.type
_entity.pdbx_description
1 polymer 'UPF0336 protein Rv0637'
2 polymer '3-hydroxyacyl-ACP dehydratase'
3 water water
#
loop_
_entity_poly.entity_id
_entity_poly.type
_entity_poly.pdbx_seq_one_letter_code
_entity_poly.pdbx_strand_id
1 'polypeptide(L)'
;MALKTDIRGMIWRYPDYFIVGREQCREFARAVKCDHPAFFSEEAAADLGYDALVAPLTFVTILAKYVQLDFFRHVDVGME
TMQIVQVDQRFVFHKPVLAGDKLWARMDIHSVDERFGADIVVTRNLCTNDDGELVMEAYTTLMGQQGDGSARLKWDKE
;
A,C
2 'polypeptide(L)'
;MALREFSSVKVGDQLPEKTYPLTRQDLVNYAGVSGDLNPIHWDDEIAKVVGLDTAIAHGMLTMGIGGGYVTSWVGDPGAV
TEYNVRFTAVVPVPNDGKGAELVFNGRVKSVDPESKSVTIALTATTGGKKIFGRAIASAKLA
;
B,D
#
# COMPACT_ATOMS: atom_id res chain seq x y z
N LEU A 3 -12.96 1.95 33.35
CA LEU A 3 -12.08 0.81 33.11
C LEU A 3 -12.89 -0.47 32.91
N LYS A 4 -12.53 -1.50 33.68
CA LYS A 4 -13.19 -2.81 33.75
C LYS A 4 -12.28 -3.79 34.47
N THR A 5 -10.97 -3.77 34.15
CA THR A 5 -10.02 -4.66 34.78
C THR A 5 -8.72 -4.00 35.21
N ASP A 6 -8.51 -2.72 34.88
CA ASP A 6 -7.26 -2.02 35.16
C ASP A 6 -6.11 -2.62 34.36
N ILE A 7 -5.62 -1.85 33.39
CA ILE A 7 -4.58 -2.31 32.48
C ILE A 7 -3.33 -1.45 32.58
N ARG A 8 -3.29 -0.59 33.59
CA ARG A 8 -2.23 0.40 33.71
C ARG A 8 -0.87 -0.30 33.75
N GLY A 9 0.00 0.09 32.83
CA GLY A 9 1.32 -0.47 32.76
C GLY A 9 1.44 -1.86 32.15
N MET A 10 0.40 -2.36 31.47
CA MET A 10 0.58 -3.59 30.72
C MET A 10 1.54 -3.34 29.57
N ILE A 11 2.44 -4.28 29.35
CA ILE A 11 3.40 -4.20 28.27
C ILE A 11 3.05 -5.25 27.23
N TRP A 12 2.97 -4.82 25.97
CA TRP A 12 2.67 -5.68 24.84
C TRP A 12 3.90 -5.65 23.92
N ARG A 13 4.68 -6.74 23.92
CA ARG A 13 5.82 -6.85 23.00
C ARG A 13 5.34 -7.39 21.67
N TYR A 14 5.60 -6.66 20.59
CA TYR A 14 5.20 -7.11 19.27
C TYR A 14 6.15 -8.21 18.80
N PRO A 15 5.66 -9.41 18.49
CA PRO A 15 6.57 -10.54 18.27
C PRO A 15 7.31 -10.51 16.93
N ASP A 16 7.15 -9.47 16.12
CA ASP A 16 7.81 -9.41 14.83
C ASP A 16 8.58 -8.10 14.70
N TYR A 17 9.58 -8.12 13.81
CA TYR A 17 10.26 -6.89 13.42
C TYR A 17 9.53 -6.25 12.24
N PHE A 18 9.89 -5.00 11.96
CA PHE A 18 9.23 -4.20 10.93
C PHE A 18 10.28 -3.54 10.05
N ILE A 19 10.19 -3.75 8.74
CA ILE A 19 11.11 -3.14 7.78
C ILE A 19 10.47 -1.90 7.16
N VAL A 20 11.19 -0.78 7.22
CA VAL A 20 10.72 0.45 6.57
C VAL A 20 10.94 0.30 5.08
N GLY A 21 9.88 0.12 4.32
CA GLY A 21 9.99 -0.23 2.91
C GLY A 21 10.08 0.99 2.02
N ARG A 22 11.04 0.96 1.10
CA ARG A 22 11.30 2.10 0.22
C ARG A 22 10.05 2.48 -0.58
N GLU A 23 9.57 1.55 -1.41
CA GLU A 23 8.46 1.89 -2.30
C GLU A 23 7.21 2.27 -1.51
N GLN A 24 6.99 1.65 -0.35
CA GLN A 24 5.81 1.97 0.44
C GLN A 24 5.90 3.38 1.06
N CYS A 25 7.07 3.74 1.60
CA CYS A 25 7.31 5.13 2.02
C CYS A 25 6.96 6.10 0.91
N ARG A 26 7.49 5.83 -0.28
CA ARG A 26 7.23 6.69 -1.42
C ARG A 26 5.74 6.82 -1.68
N GLU A 27 5.01 5.70 -1.63
CA GLU A 27 3.58 5.75 -1.91
C GLU A 27 2.84 6.44 -0.77
N PHE A 28 3.20 6.12 0.48
CA PHE A 28 2.65 6.81 1.64
C PHE A 28 2.90 8.31 1.57
N ALA A 29 4.13 8.70 1.24
CA ALA A 29 4.46 10.12 1.15
C ALA A 29 3.54 10.82 0.16
N ARG A 30 3.35 10.22 -1.02
CA ARG A 30 2.48 10.81 -2.02
C ARG A 30 1.03 10.79 -1.57
N ALA A 31 0.65 9.81 -0.74
CA ALA A 31 -0.72 9.73 -0.27
C ALA A 31 -1.06 10.87 0.68
N VAL A 32 -0.07 11.38 1.41
CA VAL A 32 -0.30 12.50 2.31
C VAL A 32 0.33 13.78 1.77
N LYS A 33 0.57 13.82 0.46
CA LYS A 33 0.86 15.05 -0.28
C LYS A 33 2.20 15.70 0.10
N CYS A 34 3.16 14.91 0.57
CA CYS A 34 4.51 15.43 0.71
C CYS A 34 5.09 15.78 -0.66
N ASP A 35 5.93 16.83 -0.70
CA ASP A 35 6.67 17.12 -1.91
C ASP A 35 8.16 17.35 -1.71
N HIS A 36 8.70 17.17 -0.50
CA HIS A 36 10.14 17.31 -0.32
C HIS A 36 10.84 16.15 -1.00
N PRO A 37 11.84 16.40 -1.84
CA PRO A 37 12.44 15.30 -2.61
C PRO A 37 13.15 14.26 -1.76
N ALA A 38 13.49 14.59 -0.51
CA ALA A 38 14.15 13.58 0.32
C ALA A 38 13.20 12.47 0.74
N PHE A 39 11.88 12.67 0.57
CA PHE A 39 10.92 11.58 0.72
C PHE A 39 10.98 10.60 -0.44
N PHE A 40 11.48 11.02 -1.60
CA PHE A 40 11.37 10.25 -2.83
C PHE A 40 12.70 9.88 -3.48
N SER A 41 13.74 10.69 -3.27
CA SER A 41 15.02 10.52 -3.95
C SER A 41 16.14 10.32 -2.93
N GLU A 42 16.95 9.28 -3.15
CA GLU A 42 18.11 9.08 -2.29
C GLU A 42 19.19 10.14 -2.53
N GLU A 43 19.21 10.72 -3.72
CA GLU A 43 20.13 11.83 -3.98
C GLU A 43 19.78 13.03 -3.12
N ALA A 44 18.49 13.38 -3.06
CA ALA A 44 18.04 14.48 -2.22
C ALA A 44 18.33 14.21 -0.75
N ALA A 45 18.13 12.97 -0.31
CA ALA A 45 18.47 12.60 1.06
C ALA A 45 19.97 12.69 1.31
N ALA A 46 20.78 12.37 0.30
CA ALA A 46 22.23 12.50 0.45
C ALA A 46 22.62 13.96 0.73
N ASP A 47 21.94 14.91 0.09
CA ASP A 47 22.26 16.32 0.36
C ASP A 47 22.05 16.70 1.82
N LEU A 48 21.16 15.99 2.52
CA LEU A 48 20.89 16.28 3.91
C LEU A 48 21.66 15.37 4.87
N GLY A 49 22.51 14.47 4.38
CA GLY A 49 23.33 13.64 5.23
C GLY A 49 22.91 12.19 5.38
N TYR A 50 21.79 11.78 4.80
CA TYR A 50 21.23 10.43 5.00
C TYR A 50 21.59 9.52 3.83
N ASP A 51 21.80 8.24 4.12
CA ASP A 51 22.20 7.27 3.12
C ASP A 51 21.04 6.48 2.53
N ALA A 52 19.80 6.77 2.94
CA ALA A 52 18.58 6.32 2.27
C ALA A 52 17.56 7.44 2.35
N LEU A 53 16.43 7.27 1.66
CA LEU A 53 15.40 8.30 1.73
C LEU A 53 14.68 8.26 3.06
N VAL A 54 14.19 9.44 3.48
CA VAL A 54 13.52 9.63 4.76
C VAL A 54 12.05 9.24 4.68
N ALA A 55 11.56 8.55 5.73
CA ALA A 55 10.17 8.12 5.80
C ALA A 55 9.26 9.30 6.13
N PRO A 56 8.01 9.27 5.66
CA PRO A 56 7.05 10.33 6.05
C PRO A 56 6.90 10.37 7.55
N LEU A 57 6.77 11.56 8.12
CA LEU A 57 6.88 11.69 9.57
C LEU A 57 5.77 10.93 10.30
N THR A 58 4.70 10.56 9.62
CA THR A 58 3.65 9.79 10.24
C THR A 58 3.69 8.32 9.83
N PHE A 59 4.77 7.87 9.19
CA PHE A 59 4.80 6.54 8.59
C PHE A 59 4.57 5.43 9.61
N VAL A 60 5.16 5.55 10.79
CA VAL A 60 5.15 4.50 11.80
C VAL A 60 3.74 4.32 12.38
N THR A 61 2.79 5.16 11.95
CA THR A 61 1.40 4.87 12.26
C THR A 61 1.00 3.46 11.81
N ILE A 62 1.57 2.99 10.70
CA ILE A 62 1.29 1.63 10.22
C ILE A 62 1.73 0.62 11.27
N LEU A 63 2.98 0.77 11.75
CA LEU A 63 3.47 -0.13 12.77
C LEU A 63 2.65 -0.01 14.04
N ALA A 64 2.44 1.22 14.51
CA ALA A 64 1.72 1.46 15.74
C ALA A 64 0.37 0.75 15.74
N LYS A 65 -0.32 0.71 14.58
CA LYS A 65 -1.62 0.07 14.64
C LYS A 65 -1.57 -1.44 14.37
N TYR A 66 -0.49 -1.95 13.75
CA TYR A 66 -0.27 -3.39 13.82
C TYR A 66 -0.24 -3.86 15.27
N VAL A 67 0.45 -3.11 16.13
CA VAL A 67 0.63 -3.49 17.52
C VAL A 67 -0.64 -3.22 18.33
N GLN A 68 -1.25 -2.06 18.15
CA GLN A 68 -2.46 -1.75 18.90
C GLN A 68 -3.59 -2.73 18.58
N LEU A 69 -3.84 -2.98 17.30
CA LEU A 69 -4.91 -3.92 16.99
C LEU A 69 -4.55 -5.31 17.52
N ASP A 70 -3.28 -5.72 17.40
CA ASP A 70 -2.88 -7.00 17.99
C ASP A 70 -3.16 -7.04 19.48
N PHE A 71 -2.90 -5.93 20.18
CA PHE A 71 -3.17 -5.84 21.61
C PHE A 71 -4.67 -5.80 21.89
N PHE A 72 -5.37 -4.83 21.30
CA PHE A 72 -6.79 -4.66 21.59
C PHE A 72 -7.63 -5.85 21.12
N ARG A 73 -7.24 -6.51 20.02
CA ARG A 73 -7.90 -7.77 19.65
C ARG A 73 -7.71 -8.84 20.71
N HIS A 74 -6.62 -8.79 21.47
CA HIS A 74 -6.35 -9.84 22.44
C HIS A 74 -6.76 -9.47 23.87
N VAL A 75 -7.01 -8.19 24.16
CA VAL A 75 -7.62 -7.84 25.44
C VAL A 75 -8.73 -6.81 25.22
N ASP A 76 -9.95 -7.31 25.03
CA ASP A 76 -11.10 -6.42 24.92
C ASP A 76 -11.56 -6.05 26.32
N VAL A 77 -11.57 -4.78 26.63
CA VAL A 77 -12.07 -4.25 27.90
C VAL A 77 -12.85 -2.97 27.64
N GLY A 78 -13.31 -2.33 28.72
CA GLY A 78 -14.12 -1.14 28.60
C GLY A 78 -15.49 -1.44 28.02
N MET A 79 -16.27 -0.37 27.80
CA MET A 79 -17.65 -0.51 27.34
C MET A 79 -17.89 0.04 25.92
N GLN A 83 -17.70 2.52 20.43
CA GLN A 83 -17.08 3.47 19.51
C GLN A 83 -15.90 4.22 20.18
N ILE A 84 -14.71 3.95 19.66
CA ILE A 84 -13.44 4.45 20.17
C ILE A 84 -12.92 5.46 19.15
N VAL A 85 -12.49 6.64 19.62
CA VAL A 85 -11.98 7.69 18.74
C VAL A 85 -10.56 8.05 19.16
N GLN A 86 -9.69 8.34 18.18
CA GLN A 86 -8.33 8.75 18.47
C GLN A 86 -8.30 10.28 18.52
N VAL A 87 -7.98 10.83 19.69
CA VAL A 87 -8.10 12.28 19.90
C VAL A 87 -6.74 12.98 19.83
N ASP A 88 -5.64 12.23 19.92
CA ASP A 88 -4.32 12.83 19.96
C ASP A 88 -3.30 11.82 19.43
N GLN A 89 -2.29 12.34 18.74
CA GLN A 89 -1.22 11.53 18.21
C GLN A 89 0.10 12.30 18.35
N ARG A 90 1.13 11.59 18.82
CA ARG A 90 2.41 12.20 19.13
C ARG A 90 3.54 11.33 18.60
N PHE A 91 4.55 11.98 18.02
CA PHE A 91 5.76 11.29 17.56
C PHE A 91 6.97 12.00 18.13
N VAL A 92 7.91 11.22 18.68
CA VAL A 92 9.19 11.73 19.19
C VAL A 92 10.29 10.99 18.46
N PHE A 93 11.10 11.72 17.71
CA PHE A 93 12.17 11.15 16.87
C PHE A 93 13.51 11.32 17.56
N HIS A 94 14.07 10.23 18.08
CA HIS A 94 15.42 10.30 18.62
C HIS A 94 16.49 10.08 17.55
N LYS A 95 16.17 9.36 16.49
CA LYS A 95 17.01 9.23 15.32
C LYS A 95 16.14 9.35 14.08
N PRO A 96 16.73 9.70 12.95
CA PRO A 96 15.96 9.70 11.69
C PRO A 96 15.50 8.29 11.35
N VAL A 97 14.31 8.19 10.81
CA VAL A 97 13.77 6.91 10.35
C VAL A 97 13.87 6.90 8.84
N LEU A 98 14.71 6.01 8.30
CA LEU A 98 14.97 5.95 6.87
C LEU A 98 14.51 4.62 6.30
N ALA A 99 14.34 4.58 4.99
CA ALA A 99 13.96 3.34 4.32
C ALA A 99 15.06 2.30 4.53
N GLY A 100 14.65 1.05 4.76
CA GLY A 100 15.56 -0.03 5.09
C GLY A 100 15.77 -0.27 6.56
N ASP A 101 15.32 0.64 7.43
CA ASP A 101 15.52 0.45 8.86
C ASP A 101 14.73 -0.74 9.39
N LYS A 102 15.35 -1.50 10.28
CA LYS A 102 14.70 -2.61 10.97
C LYS A 102 14.32 -2.16 12.37
N LEU A 103 13.03 -2.23 12.70
CA LEU A 103 12.49 -1.69 13.95
C LEU A 103 11.73 -2.73 14.77
N TRP A 104 11.88 -2.64 16.09
CA TRP A 104 11.17 -3.47 17.05
C TRP A 104 10.20 -2.61 17.86
N ALA A 105 8.98 -3.09 18.03
CA ALA A 105 7.92 -2.31 18.67
C ALA A 105 7.61 -2.85 20.06
N ARG A 106 7.28 -1.94 20.97
CA ARG A 106 6.97 -2.31 22.36
C ARG A 106 5.96 -1.31 22.88
N MET A 107 4.74 -1.77 23.13
CA MET A 107 3.67 -0.91 23.60
C MET A 107 3.39 -1.17 25.08
N ASP A 108 3.35 -0.10 25.87
CA ASP A 108 2.79 -0.12 27.21
C ASP A 108 1.53 0.73 27.24
N ILE A 109 0.67 0.42 28.20
CA ILE A 109 -0.48 1.26 28.51
C ILE A 109 -0.02 2.39 29.44
N HIS A 110 0.10 3.60 28.90
CA HIS A 110 0.79 4.67 29.62
C HIS A 110 -0.08 5.31 30.69
N SER A 111 -1.37 5.49 30.43
CA SER A 111 -2.26 6.18 31.36
C SER A 111 -3.69 5.79 31.05
N VAL A 112 -4.56 5.83 32.08
CA VAL A 112 -5.98 5.50 31.93
C VAL A 112 -6.82 6.46 32.76
N ASP A 113 -7.90 6.98 32.14
CA ASP A 113 -8.95 7.76 32.84
C ASP A 113 -10.36 7.29 32.47
N ASP A 119 -13.93 6.87 28.41
CA ASP A 119 -12.62 6.58 28.98
C ASP A 119 -11.45 7.06 28.10
N ILE A 120 -10.31 7.33 28.74
CA ILE A 120 -9.13 7.94 28.11
C ILE A 120 -7.91 7.07 28.38
N VAL A 121 -7.44 6.33 27.38
CA VAL A 121 -6.21 5.57 27.52
C VAL A 121 -5.19 6.09 26.50
N VAL A 122 -3.95 6.26 26.95
CA VAL A 122 -2.82 6.66 26.10
C VAL A 122 -1.86 5.48 25.97
N THR A 123 -1.71 4.94 24.76
CA THR A 123 -0.69 3.93 24.54
C THR A 123 0.62 4.62 24.17
N ARG A 124 1.73 4.03 24.61
CA ARG A 124 3.08 4.48 24.24
C ARG A 124 3.81 3.34 23.57
N ASN A 125 4.15 3.51 22.29
CA ASN A 125 4.96 2.55 21.55
C ASN A 125 6.42 2.98 21.51
N LEU A 126 7.31 2.17 22.09
CA LEU A 126 8.75 2.38 21.98
C LEU A 126 9.28 1.62 20.78
N CYS A 127 10.05 2.29 19.94
CA CYS A 127 10.60 1.67 18.73
C CYS A 127 12.12 1.71 18.80
N THR A 128 12.74 0.54 18.75
CA THR A 128 14.19 0.41 18.80
C THR A 128 14.67 -0.31 17.55
N ASN A 129 15.96 -0.18 17.26
CA ASN A 129 16.54 -0.84 16.10
C ASN A 129 17.32 -2.07 16.56
N ASP A 130 17.96 -2.73 15.58
CA ASP A 130 18.67 -3.97 15.88
C ASP A 130 19.79 -3.79 16.90
N ASP A 131 20.33 -2.58 17.05
CA ASP A 131 21.35 -2.31 18.05
C ASP A 131 20.76 -1.97 19.42
N GLY A 132 19.43 -1.95 19.55
CA GLY A 132 18.80 -1.68 20.82
C GLY A 132 18.72 -0.21 21.20
N GLU A 133 19.14 0.70 20.35
CA GLU A 133 18.96 2.10 20.68
C GLU A 133 17.54 2.55 20.33
N LEU A 134 17.05 3.55 21.04
CA LEU A 134 15.68 4.01 20.84
C LEU A 134 15.64 5.00 19.68
N VAL A 135 14.83 4.70 18.66
CA VAL A 135 14.79 5.57 17.49
C VAL A 135 13.57 6.47 17.57
N MET A 136 12.45 5.98 18.12
CA MET A 136 11.30 6.85 18.22
C MET A 136 10.27 6.32 19.21
N GLU A 137 9.47 7.24 19.73
CA GLU A 137 8.31 6.96 20.56
C GLU A 137 7.07 7.50 19.88
N ALA A 138 5.96 6.79 20.02
CA ALA A 138 4.69 7.20 19.45
C ALA A 138 3.61 7.02 20.52
N TYR A 139 2.94 8.11 20.86
CA TYR A 139 1.83 8.10 21.82
C TYR A 139 0.53 8.41 21.09
N THR A 140 -0.45 7.52 21.19
CA THR A 140 -1.79 7.82 20.69
C THR A 140 -2.79 7.77 21.83
N THR A 141 -3.72 8.74 21.83
CA THR A 141 -4.76 8.86 22.86
C THR A 141 -6.11 8.49 22.26
N LEU A 142 -6.75 7.46 22.83
CA LEU A 142 -8.07 7.00 22.41
C LEU A 142 -9.13 7.37 23.45
N MET A 143 -10.37 7.53 22.97
CA MET A 143 -11.49 7.95 23.83
C MET A 143 -12.70 7.04 23.65
N ALA B 2 17.20 22.19 1.38
CA ALA B 2 18.25 22.26 2.41
C ALA B 2 17.71 22.72 3.78
N LEU B 3 18.46 22.39 4.83
CA LEU B 3 18.03 22.65 6.21
C LEU B 3 18.08 24.14 6.54
N ARG B 4 16.95 24.69 6.97
CA ARG B 4 16.84 26.09 7.35
C ARG B 4 17.87 26.46 8.43
N GLU B 5 18.52 27.62 8.26
CA GLU B 5 19.51 28.09 9.24
C GLU B 5 18.82 28.55 10.52
N PHE B 6 19.33 28.08 11.68
CA PHE B 6 18.76 28.49 12.96
C PHE B 6 18.79 30.00 13.15
N SER B 7 19.89 30.63 12.73
CA SER B 7 20.08 32.06 12.94
C SER B 7 19.11 32.92 12.15
N SER B 8 18.45 32.35 11.14
CA SER B 8 17.51 33.11 10.33
C SER B 8 16.10 33.13 10.90
N VAL B 9 15.82 32.41 11.99
CA VAL B 9 14.46 32.24 12.47
C VAL B 9 14.33 33.10 13.70
N LYS B 10 13.24 33.84 13.78
CA LYS B 10 12.94 34.64 14.95
C LYS B 10 11.60 34.15 15.52
N VAL B 11 11.46 34.19 16.84
CA VAL B 11 10.16 33.91 17.44
C VAL B 11 9.12 34.81 16.81
N GLY B 12 7.99 34.22 16.41
CA GLY B 12 6.89 34.97 15.83
C GLY B 12 6.84 34.93 14.31
N ASP B 13 7.88 34.40 13.66
CA ASP B 13 7.87 34.31 12.20
C ASP B 13 6.70 33.43 11.76
N GLN B 14 6.04 33.81 10.67
CA GLN B 14 4.95 32.98 10.20
C GLN B 14 5.40 32.16 9.00
N LEU B 15 4.91 30.94 8.93
CA LEU B 15 5.18 30.09 7.80
C LEU B 15 4.26 30.50 6.66
N PRO B 16 4.64 30.22 5.42
CA PRO B 16 3.70 30.49 4.33
C PRO B 16 2.46 29.64 4.48
N GLU B 17 1.31 30.25 4.15
CA GLU B 17 0.07 29.49 4.16
C GLU B 17 0.08 28.54 2.97
N LYS B 18 -0.49 27.34 3.14
CA LYS B 18 -0.61 26.43 2.01
C LYS B 18 -1.98 25.76 2.07
N THR B 19 -2.62 25.64 0.91
CA THR B 19 -3.91 24.99 0.79
C THR B 19 -3.74 23.66 0.08
N TYR B 20 -4.33 22.61 0.64
CA TYR B 20 -4.25 21.32 -0.03
C TYR B 20 -5.65 20.89 -0.43
N PRO B 21 -5.86 20.46 -1.67
CA PRO B 21 -7.16 19.90 -2.01
C PRO B 21 -7.19 18.47 -1.47
N LEU B 22 -8.40 18.02 -1.15
CA LEU B 22 -8.61 16.64 -0.70
C LEU B 22 -9.86 16.09 -1.37
N THR B 23 -9.73 14.97 -2.07
CA THR B 23 -10.84 14.39 -2.80
C THR B 23 -11.16 13.00 -2.26
N ARG B 24 -12.30 12.46 -2.70
CA ARG B 24 -12.70 11.13 -2.25
C ARG B 24 -11.67 10.10 -2.69
N GLN B 25 -11.12 10.28 -3.90
CA GLN B 25 -10.09 9.39 -4.40
C GLN B 25 -8.89 9.35 -3.45
N ASP B 26 -8.56 10.50 -2.85
CA ASP B 26 -7.47 10.53 -1.89
C ASP B 26 -7.78 9.68 -0.67
N LEU B 27 -9.03 9.72 -0.19
CA LEU B 27 -9.39 8.94 0.99
C LEU B 27 -9.32 7.44 0.72
N VAL B 28 -9.85 7.00 -0.43
CA VAL B 28 -9.80 5.58 -0.76
C VAL B 28 -8.34 5.16 -0.91
N ASN B 29 -7.52 5.99 -1.55
CA ASN B 29 -6.10 5.69 -1.64
C ASN B 29 -5.49 5.55 -0.25
N TYR B 30 -5.75 6.51 0.65
CA TYR B 30 -5.13 6.47 1.98
C TYR B 30 -5.57 5.24 2.76
N ALA B 31 -6.83 4.84 2.59
CA ALA B 31 -7.33 3.67 3.30
C ALA B 31 -6.47 2.44 3.01
N GLY B 32 -6.21 2.15 1.73
CA GLY B 32 -5.43 0.97 1.39
C GLY B 32 -3.96 1.13 1.76
N VAL B 33 -3.44 2.35 1.58
CA VAL B 33 -2.04 2.58 1.89
C VAL B 33 -1.85 2.37 3.38
N SER B 34 -2.79 2.85 4.19
CA SER B 34 -2.61 2.84 5.63
C SER B 34 -3.11 1.53 6.23
N GLY B 35 -3.99 0.82 5.52
CA GLY B 35 -4.64 -0.33 6.09
C GLY B 35 -5.88 -0.04 6.89
N ASP B 36 -6.23 1.24 7.08
CA ASP B 36 -7.41 1.62 7.85
C ASP B 36 -8.59 1.65 6.88
N LEU B 37 -9.41 0.59 6.91
CA LEU B 37 -10.48 0.43 5.95
C LEU B 37 -11.84 0.81 6.50
N ASN B 38 -11.86 1.51 7.64
CA ASN B 38 -13.08 1.97 8.28
C ASN B 38 -13.98 2.68 7.27
N PRO B 39 -15.22 2.21 7.05
CA PRO B 39 -16.02 2.78 5.95
C PRO B 39 -16.52 4.20 6.19
N ILE B 40 -16.34 4.80 7.37
CA ILE B 40 -16.74 6.21 7.50
C ILE B 40 -15.88 7.14 6.65
N HIS B 41 -14.76 6.65 6.12
CA HIS B 41 -13.91 7.45 5.27
C HIS B 41 -14.17 7.23 3.78
N TRP B 42 -15.10 6.35 3.42
CA TRP B 42 -15.39 6.16 2.00
C TRP B 42 -16.82 5.73 1.69
N ASP B 43 -17.71 5.59 2.67
CA ASP B 43 -19.09 5.17 2.45
C ASP B 43 -19.98 6.21 3.10
N ASP B 44 -20.69 6.99 2.28
CA ASP B 44 -21.57 8.05 2.78
C ASP B 44 -22.67 7.53 3.69
N GLU B 45 -23.20 6.35 3.39
CA GLU B 45 -24.33 5.85 4.15
C GLU B 45 -23.91 5.45 5.57
N ILE B 46 -22.71 4.89 5.71
CA ILE B 46 -22.21 4.57 7.04
C ILE B 46 -21.96 5.85 7.82
N ALA B 47 -21.37 6.85 7.15
CA ALA B 47 -21.16 8.16 7.77
C ALA B 47 -22.46 8.75 8.31
N LYS B 48 -23.54 8.68 7.52
CA LYS B 48 -24.82 9.24 7.93
C LYS B 48 -25.38 8.53 9.15
N VAL B 49 -25.22 7.21 9.18
CA VAL B 49 -25.66 6.39 10.31
C VAL B 49 -25.08 6.87 11.63
N VAL B 50 -23.84 7.37 11.63
CA VAL B 50 -23.24 7.89 12.85
C VAL B 50 -23.33 9.42 12.94
N GLY B 51 -24.20 10.04 12.16
CA GLY B 51 -24.48 11.45 12.34
C GLY B 51 -23.64 12.42 11.53
N LEU B 52 -22.97 11.96 10.48
CA LEU B 52 -22.18 12.87 9.67
C LEU B 52 -22.87 13.13 8.34
N ASP B 53 -22.48 14.24 7.73
CA ASP B 53 -23.03 14.64 6.44
C ASP B 53 -22.45 13.82 5.29
N THR B 54 -21.19 13.41 5.39
CA THR B 54 -20.48 12.77 4.30
C THR B 54 -19.29 12.02 4.88
N ALA B 55 -18.66 11.21 4.03
CA ALA B 55 -17.46 10.51 4.45
C ALA B 55 -16.42 11.53 4.85
N ILE B 56 -15.53 11.17 5.77
CA ILE B 56 -14.59 12.14 6.29
C ILE B 56 -13.17 11.65 6.12
N ALA B 57 -12.24 12.60 6.05
CA ALA B 57 -10.84 12.26 5.91
C ALA B 57 -10.40 11.57 7.19
N HIS B 58 -9.47 10.62 7.05
CA HIS B 58 -8.82 10.04 8.22
C HIS B 58 -8.07 11.12 9.01
N GLY B 59 -8.12 11.03 10.34
CA GLY B 59 -7.35 11.96 11.15
C GLY B 59 -5.86 11.87 10.82
N MET B 60 -5.35 10.65 10.62
CA MET B 60 -3.94 10.49 10.35
C MET B 60 -3.59 10.96 8.96
N LEU B 61 -4.57 10.97 8.04
CA LEU B 61 -4.33 11.57 6.74
C LEU B 61 -4.07 13.07 6.90
N THR B 62 -4.89 13.76 7.69
CA THR B 62 -4.68 15.20 7.84
C THR B 62 -3.39 15.46 8.63
N MET B 63 -3.08 14.61 9.60
CA MET B 63 -1.81 14.77 10.30
C MET B 63 -0.65 14.50 9.34
N GLY B 64 -0.83 13.53 8.44
CA GLY B 64 0.22 13.24 7.48
C GLY B 64 0.49 14.45 6.60
N ILE B 65 -0.58 15.11 6.15
CA ILE B 65 -0.42 16.32 5.35
C ILE B 65 0.34 17.38 6.16
N GLY B 66 0.00 17.54 7.44
CA GLY B 66 0.73 18.48 8.26
C GLY B 66 2.22 18.18 8.32
N GLY B 67 2.59 16.88 8.31
CA GLY B 67 4.00 16.55 8.38
C GLY B 67 4.72 17.04 7.15
N GLY B 68 4.08 16.90 5.98
CA GLY B 68 4.66 17.40 4.75
C GLY B 68 4.76 18.91 4.82
N TYR B 69 3.71 19.55 5.34
CA TYR B 69 3.66 21.00 5.50
C TYR B 69 4.89 21.41 6.31
N VAL B 70 5.10 20.74 7.43
CA VAL B 70 6.13 21.17 8.36
C VAL B 70 7.49 20.87 7.75
N THR B 71 7.59 19.79 6.98
CA THR B 71 8.88 19.44 6.43
C THR B 71 9.34 20.42 5.36
N SER B 72 8.40 20.99 4.59
CA SER B 72 8.80 21.96 3.58
C SER B 72 9.40 23.22 4.18
N TRP B 73 8.87 23.68 5.32
CA TRP B 73 9.46 24.85 5.97
C TRP B 73 10.83 24.54 6.61
N VAL B 74 10.95 23.41 7.30
CA VAL B 74 12.21 23.03 7.94
C VAL B 74 13.31 22.83 6.89
N GLY B 75 12.98 22.13 5.82
CA GLY B 75 13.93 21.92 4.75
C GLY B 75 14.61 20.57 4.81
N ASP B 76 14.22 19.73 5.77
CA ASP B 76 14.75 18.41 6.05
C ASP B 76 13.83 17.66 7.01
N PRO B 77 13.13 16.63 6.51
CA PRO B 77 12.27 15.84 7.39
C PRO B 77 13.03 15.21 8.53
N GLY B 78 14.29 14.85 8.29
CA GLY B 78 15.18 14.22 9.26
C GLY B 78 15.53 15.09 10.43
N ALA B 79 15.28 16.39 10.33
CA ALA B 79 15.59 17.36 11.36
C ALA B 79 14.47 17.47 12.39
N VAL B 80 13.29 16.93 12.09
CA VAL B 80 12.15 17.11 12.98
C VAL B 80 12.32 16.16 14.16
N THR B 81 12.13 16.69 15.39
CA THR B 81 12.35 15.97 16.63
C THR B 81 11.08 15.58 17.35
N GLU B 82 9.97 16.28 17.09
CA GLU B 82 8.69 15.92 17.68
C GLU B 82 7.61 16.50 16.79
N TYR B 83 6.45 15.85 16.82
CA TYR B 83 5.31 16.32 16.03
C TYR B 83 4.08 15.80 16.75
N ASN B 84 3.31 16.72 17.34
CA ASN B 84 2.22 16.33 18.21
C ASN B 84 0.96 17.07 17.75
N VAL B 85 -0.13 16.34 17.55
CA VAL B 85 -1.38 16.94 17.06
C VAL B 85 -2.58 16.37 17.83
N ARG B 86 -3.44 17.26 18.32
CA ARG B 86 -4.71 16.90 18.95
C ARG B 86 -5.81 17.09 17.91
N PHE B 87 -6.69 16.11 17.75
CA PHE B 87 -7.77 16.12 16.76
C PHE B 87 -9.13 16.62 17.23
N THR B 88 -9.50 17.86 16.88
CA THR B 88 -10.78 18.27 17.43
C THR B 88 -11.97 18.13 16.47
N ALA B 89 -11.77 18.19 15.16
CA ALA B 89 -12.88 18.25 14.19
C ALA B 89 -12.67 17.29 13.03
N VAL B 90 -13.78 16.87 12.42
CA VAL B 90 -13.75 16.07 11.20
C VAL B 90 -13.68 16.94 9.94
N VAL B 91 -13.18 16.34 8.87
CA VAL B 91 -12.99 17.00 7.58
C VAL B 91 -13.88 16.31 6.56
N PRO B 92 -15.06 16.86 6.27
CA PRO B 92 -15.94 16.22 5.29
C PRO B 92 -15.32 16.33 3.92
N VAL B 93 -15.42 15.26 3.16
CA VAL B 93 -14.90 15.25 1.78
C VAL B 93 -15.99 14.77 0.83
N PRO B 94 -16.81 15.68 0.32
CA PRO B 94 -17.93 15.28 -0.54
C PRO B 94 -17.41 14.65 -1.83
N ASN B 95 -18.13 13.64 -2.32
CA ASN B 95 -17.78 13.01 -3.59
C ASN B 95 -18.51 13.71 -4.75
N ASP B 96 -18.19 14.99 -4.94
CA ASP B 96 -18.90 15.84 -5.87
C ASP B 96 -18.01 16.36 -7.00
N GLY B 97 -16.82 15.78 -7.19
CA GLY B 97 -15.87 16.25 -8.18
C GLY B 97 -15.01 17.42 -7.75
N LYS B 98 -15.24 17.95 -6.54
CA LYS B 98 -14.50 19.08 -5.98
C LYS B 98 -13.78 18.69 -4.71
N GLY B 99 -14.50 18.14 -3.73
CA GLY B 99 -13.93 17.77 -2.46
C GLY B 99 -13.79 18.87 -1.42
N ALA B 100 -12.72 18.81 -0.63
CA ALA B 100 -12.49 19.70 0.49
C ALA B 100 -11.13 20.38 0.34
N GLU B 101 -10.92 21.43 1.13
CA GLU B 101 -9.62 22.07 1.21
C GLU B 101 -9.18 22.22 2.66
N LEU B 102 -7.91 21.87 2.93
CA LEU B 102 -7.30 22.09 4.24
C LEU B 102 -6.26 23.18 4.09
N VAL B 103 -6.35 24.18 4.96
CA VAL B 103 -5.46 25.32 4.93
C VAL B 103 -4.54 25.22 6.14
N PHE B 104 -3.24 25.13 5.89
CA PHE B 104 -2.28 24.98 6.97
C PHE B 104 -1.55 26.30 7.18
N ASN B 105 -1.36 26.65 8.45
CA ASN B 105 -0.60 27.81 8.86
C ASN B 105 0.25 27.44 10.06
N GLY B 106 1.25 28.28 10.33
CA GLY B 106 2.16 27.99 11.42
C GLY B 106 2.88 29.25 11.85
N ARG B 107 3.28 29.25 13.12
CA ARG B 107 4.00 30.34 13.74
C ARG B 107 5.09 29.79 14.66
N VAL B 108 6.25 30.44 14.64
CA VAL B 108 7.34 30.04 15.52
C VAL B 108 7.04 30.51 16.94
N LYS B 109 6.99 29.58 17.89
CA LYS B 109 6.64 29.90 19.27
C LYS B 109 7.85 30.07 20.17
N SER B 110 8.92 29.36 19.91
CA SER B 110 10.06 29.44 20.80
C SER B 110 11.27 28.98 20.03
N VAL B 111 12.44 29.45 20.48
CA VAL B 111 13.70 28.99 19.93
C VAL B 111 14.63 28.77 21.10
N ASP B 112 15.61 27.89 20.91
CA ASP B 112 16.55 27.54 21.97
C ASP B 112 17.97 27.51 21.42
N PRO B 113 18.77 28.54 21.67
CA PRO B 113 20.11 28.58 21.06
C PRO B 113 21.00 27.46 21.54
N GLU B 114 20.74 26.88 22.72
CA GLU B 114 21.62 25.84 23.23
C GLU B 114 21.55 24.58 22.37
N SER B 115 20.41 24.30 21.75
CA SER B 115 20.22 23.08 20.96
C SER B 115 19.94 23.37 19.49
N LYS B 116 19.87 24.64 19.12
CA LYS B 116 19.45 25.10 17.79
C LYS B 116 18.06 24.59 17.39
N SER B 117 17.20 24.32 18.39
CA SER B 117 15.82 23.87 18.21
C SER B 117 14.81 25.01 18.00
N VAL B 118 13.78 24.77 17.17
CA VAL B 118 12.65 25.67 17.08
C VAL B 118 11.37 24.84 17.26
N THR B 119 10.32 25.49 17.79
CA THR B 119 9.01 24.87 17.92
C THR B 119 7.95 25.70 17.19
N ILE B 120 7.22 25.05 16.29
CA ILE B 120 6.18 25.70 15.49
C ILE B 120 4.84 25.33 16.08
N ALA B 121 3.93 26.30 16.16
CA ALA B 121 2.54 26.01 16.41
C ALA B 121 1.82 26.00 15.07
N LEU B 122 1.04 24.95 14.82
CA LEU B 122 0.34 24.79 13.57
C LEU B 122 -1.15 24.99 13.76
N THR B 123 -1.83 25.44 12.70
CA THR B 123 -3.28 25.44 12.69
C THR B 123 -3.70 24.87 11.36
N ALA B 124 -4.81 24.14 11.35
CA ALA B 124 -5.37 23.62 10.11
C ALA B 124 -6.87 23.90 10.07
N THR B 125 -7.36 24.43 8.96
CA THR B 125 -8.78 24.66 8.81
C THR B 125 -9.35 24.08 7.53
N THR B 126 -10.67 23.85 7.59
CA THR B 126 -11.47 23.45 6.44
C THR B 126 -12.75 24.28 6.57
N GLY B 127 -13.08 25.00 5.50
CA GLY B 127 -14.12 26.00 5.51
C GLY B 127 -14.02 26.98 6.66
N GLY B 128 -12.80 27.30 7.08
CA GLY B 128 -12.58 28.30 8.10
C GLY B 128 -12.61 27.77 9.53
N LYS B 129 -13.00 26.51 9.72
CA LYS B 129 -13.15 25.94 11.06
C LYS B 129 -11.92 25.11 11.36
N LYS B 130 -11.36 25.27 12.56
CA LYS B 130 -10.17 24.53 12.94
C LYS B 130 -10.44 23.03 13.12
N ILE B 131 -9.51 22.19 12.65
CA ILE B 131 -9.65 20.74 12.79
C ILE B 131 -8.70 20.14 13.83
N PHE B 132 -7.69 20.89 14.26
CA PHE B 132 -6.77 20.45 15.29
C PHE B 132 -6.88 21.35 16.51
N GLY B 133 -6.54 20.80 17.66
CA GLY B 133 -6.32 21.64 18.82
C GLY B 133 -4.83 21.91 18.89
N ARG B 134 -4.21 21.70 20.05
CA ARG B 134 -2.77 21.86 20.18
C ARG B 134 -2.11 21.06 19.06
N ALA B 135 -1.27 21.73 18.29
CA ALA B 135 -0.61 21.08 17.17
C ALA B 135 0.75 21.73 17.01
N ILE B 136 1.81 21.02 17.39
CA ILE B 136 3.14 21.62 17.40
C ILE B 136 4.13 20.63 16.78
N ALA B 137 5.20 21.19 16.24
CA ALA B 137 6.30 20.41 15.69
C ALA B 137 7.59 21.08 16.10
N SER B 138 8.60 20.29 16.39
CA SER B 138 9.91 20.84 16.68
C SER B 138 10.93 20.26 15.73
N ALA B 139 12.04 20.98 15.58
CA ALA B 139 13.10 20.52 14.70
C ALA B 139 14.40 21.18 15.17
N LYS B 140 15.51 20.50 14.88
CA LYS B 140 16.85 21.03 15.13
C LYS B 140 17.38 21.62 13.83
N LEU B 141 17.63 22.92 13.82
CA LEU B 141 18.01 23.61 12.60
C LEU B 141 19.54 23.68 12.50
N ALA B 142 20.03 24.17 11.37
CA ALA B 142 21.47 24.14 11.06
C ALA B 142 22.29 25.25 11.72
N LEU C 3 -2.98 4.59 -34.18
CA LEU C 3 -1.92 4.47 -33.19
C LEU C 3 -1.43 5.85 -32.71
N LYS C 4 -1.53 6.83 -33.60
CA LYS C 4 -1.16 8.24 -33.39
C LYS C 4 0.36 8.44 -33.47
N THR C 5 1.11 7.57 -32.82
CA THR C 5 2.58 7.56 -32.89
C THR C 5 3.00 6.11 -33.05
N ASP C 6 3.89 5.85 -34.01
CA ASP C 6 4.36 4.50 -34.25
C ASP C 6 5.37 4.14 -33.16
N ILE C 7 5.04 3.16 -32.34
CA ILE C 7 5.83 2.81 -31.17
C ILE C 7 6.49 1.45 -31.30
N ARG C 8 6.37 0.79 -32.46
CA ARG C 8 6.80 -0.60 -32.59
C ARG C 8 8.28 -0.79 -32.27
N GLY C 9 8.58 -1.75 -31.39
CA GLY C 9 9.95 -2.08 -31.08
C GLY C 9 10.68 -1.08 -30.22
N MET C 10 9.96 -0.17 -29.58
CA MET C 10 10.60 0.71 -28.61
C MET C 10 10.95 -0.06 -27.34
N ILE C 11 12.15 0.18 -26.83
CA ILE C 11 12.60 -0.39 -25.56
C ILE C 11 12.70 0.76 -24.59
N TRP C 12 12.01 0.64 -23.45
CA TRP C 12 11.93 1.71 -22.46
C TRP C 12 12.54 1.18 -21.17
N ARG C 13 13.76 1.64 -20.88
CA ARG C 13 14.42 1.28 -19.63
C ARG C 13 13.95 2.20 -18.51
N TYR C 14 13.49 1.61 -17.41
CA TYR C 14 13.01 2.39 -16.29
C TYR C 14 14.20 2.95 -15.51
N PRO C 15 14.28 4.27 -15.34
CA PRO C 15 15.51 4.88 -14.78
C PRO C 15 15.72 4.66 -13.29
N ASP C 16 14.84 3.91 -12.63
CA ASP C 16 14.94 3.66 -11.19
C ASP C 16 14.88 2.16 -10.94
N TYR C 17 15.44 1.75 -9.81
CA TYR C 17 15.26 0.39 -9.36
C TYR C 17 14.04 0.29 -8.43
N PHE C 18 13.64 -0.95 -8.14
CA PHE C 18 12.46 -1.24 -7.35
C PHE C 18 12.84 -2.26 -6.29
N ILE C 19 12.61 -1.94 -5.02
CA ILE C 19 12.86 -2.87 -3.93
C ILE C 19 11.56 -3.59 -3.60
N VAL C 20 11.59 -4.91 -3.62
CA VAL C 20 10.41 -5.69 -3.24
C VAL C 20 10.34 -5.66 -1.72
N GLY C 21 9.38 -4.89 -1.19
CA GLY C 21 9.35 -4.56 0.22
C GLY C 21 8.58 -5.59 1.03
N ARG C 22 9.17 -5.99 2.18
CA ARG C 22 8.60 -7.05 3.01
C ARG C 22 7.17 -6.72 3.45
N GLU C 23 7.00 -5.64 4.22
CA GLU C 23 5.66 -5.36 4.77
C GLU C 23 4.66 -5.12 3.65
N GLN C 24 5.11 -4.51 2.56
CA GLN C 24 4.20 -4.22 1.46
C GLN C 24 3.72 -5.51 0.81
N CYS C 25 4.63 -6.46 0.61
CA CYS C 25 4.27 -7.80 0.13
C CYS C 25 3.21 -8.45 1.00
N ARG C 26 3.43 -8.48 2.31
CA ARG C 26 2.47 -9.10 3.20
C ARG C 26 1.09 -8.44 3.09
N GLU C 27 1.04 -7.11 2.98
CA GLU C 27 -0.25 -6.44 2.81
C GLU C 27 -0.86 -6.77 1.45
N PHE C 28 -0.05 -6.80 0.39
CA PHE C 28 -0.52 -7.23 -0.92
C PHE C 28 -1.06 -8.66 -0.84
N ALA C 29 -0.33 -9.56 -0.19
CA ALA C 29 -0.79 -10.94 -0.04
C ALA C 29 -2.17 -11.00 0.61
N ARG C 30 -2.32 -10.33 1.75
CA ARG C 30 -3.61 -10.34 2.43
C ARG C 30 -4.66 -9.62 1.59
N ALA C 31 -4.23 -8.66 0.77
CA ALA C 31 -5.19 -7.94 -0.07
C ALA C 31 -5.79 -8.82 -1.15
N VAL C 32 -5.06 -9.84 -1.60
CA VAL C 32 -5.56 -10.78 -2.61
C VAL C 32 -5.81 -12.16 -2.01
N LYS C 33 -5.95 -12.24 -0.68
CA LYS C 33 -6.51 -13.38 0.03
C LYS C 33 -5.65 -14.63 -0.09
N CYS C 34 -4.35 -14.45 -0.31
CA CYS C 34 -3.41 -15.55 -0.17
C CYS C 34 -3.32 -15.97 1.29
N ASP C 35 -3.18 -17.27 1.54
CA ASP C 35 -3.02 -17.74 2.92
C ASP C 35 -1.83 -18.67 3.12
N HIS C 36 -1.00 -18.88 2.11
CA HIS C 36 0.16 -19.73 2.29
C HIS C 36 1.16 -19.07 3.24
N PRO C 37 1.66 -19.79 4.25
CA PRO C 37 2.58 -19.17 5.22
C PRO C 37 3.91 -18.69 4.63
N ALA C 38 4.30 -19.13 3.42
CA ALA C 38 5.51 -18.59 2.83
C ALA C 38 5.32 -17.15 2.34
N PHE C 39 4.08 -16.70 2.20
CA PHE C 39 3.86 -15.29 1.94
C PHE C 39 4.12 -14.41 3.17
N PHE C 40 4.07 -14.96 4.39
CA PHE C 40 4.07 -14.14 5.59
C PHE C 40 5.19 -14.42 6.60
N SER C 41 5.78 -15.61 6.61
CA SER C 41 6.75 -16.00 7.62
C SER C 41 8.09 -16.36 6.98
N GLU C 42 9.19 -15.88 7.60
CA GLU C 42 10.53 -16.26 7.15
C GLU C 42 10.86 -17.71 7.49
N GLU C 43 10.30 -18.24 8.58
CA GLU C 43 10.47 -19.66 8.89
C GLU C 43 9.82 -20.54 7.83
N ALA C 44 8.56 -20.22 7.47
CA ALA C 44 7.85 -20.99 6.45
C ALA C 44 8.56 -20.94 5.11
N ALA C 45 9.04 -19.76 4.72
CA ALA C 45 9.80 -19.65 3.48
C ALA C 45 11.13 -20.40 3.56
N ALA C 46 11.77 -20.36 4.73
CA ALA C 46 13.00 -21.13 4.90
C ALA C 46 12.74 -22.64 4.77
N ASP C 47 11.59 -23.10 5.27
CA ASP C 47 11.25 -24.51 5.15
C ASP C 47 11.17 -24.93 3.69
N LEU C 48 10.84 -24.01 2.79
CA LEU C 48 10.79 -24.32 1.37
C LEU C 48 12.08 -23.94 0.64
N GLY C 49 13.09 -23.46 1.36
CA GLY C 49 14.38 -23.18 0.77
C GLY C 49 14.73 -21.73 0.54
N TYR C 50 13.84 -20.79 0.85
CA TYR C 50 14.07 -19.39 0.53
C TYR C 50 14.53 -18.62 1.75
N ASP C 51 15.49 -17.71 1.56
CA ASP C 51 16.08 -16.94 2.66
C ASP C 51 15.40 -15.58 2.87
N ALA C 52 14.33 -15.30 2.15
CA ALA C 52 13.39 -14.21 2.43
C ALA C 52 11.99 -14.72 2.07
N LEU C 53 10.98 -13.91 2.33
CA LEU C 53 9.62 -14.32 1.99
C LEU C 53 9.38 -14.25 0.49
N VAL C 54 8.44 -15.04 0.03
CA VAL C 54 8.05 -15.00 -1.37
C VAL C 54 7.00 -13.91 -1.55
N ALA C 55 7.14 -13.14 -2.62
CA ALA C 55 6.17 -12.10 -2.93
C ALA C 55 4.93 -12.72 -3.55
N PRO C 56 3.78 -12.08 -3.39
CA PRO C 56 2.57 -12.56 -4.08
C PRO C 56 2.83 -12.59 -5.57
N LEU C 57 2.31 -13.63 -6.24
CA LEU C 57 2.73 -13.87 -7.61
C LEU C 57 2.28 -12.78 -8.58
N THR C 58 1.37 -11.91 -8.19
CA THR C 58 1.02 -10.78 -9.04
C THR C 58 1.63 -9.46 -8.57
N PHE C 59 2.57 -9.50 -7.60
CA PHE C 59 3.05 -8.29 -6.95
C PHE C 59 3.66 -7.31 -7.94
N VAL C 60 4.42 -7.83 -8.90
CA VAL C 60 5.24 -7.00 -9.78
C VAL C 60 4.36 -6.25 -10.78
N THR C 61 3.03 -6.45 -10.69
CA THR C 61 2.14 -5.54 -11.40
C THR C 61 2.43 -4.08 -11.04
N ILE C 62 2.83 -3.82 -9.79
CA ILE C 62 3.16 -2.47 -9.38
C ILE C 62 4.35 -1.95 -10.18
N LEU C 63 5.42 -2.75 -10.26
CA LEU C 63 6.57 -2.32 -11.04
C LEU C 63 6.19 -2.16 -12.52
N ALA C 64 5.48 -3.15 -13.07
CA ALA C 64 5.08 -3.10 -14.48
C ALA C 64 4.37 -1.79 -14.83
N LYS C 65 3.50 -1.29 -13.95
CA LYS C 65 2.76 -0.08 -14.28
C LYS C 65 3.51 1.20 -13.92
N TYR C 66 4.45 1.14 -12.98
CA TYR C 66 5.38 2.26 -12.85
C TYR C 66 6.03 2.56 -14.20
N VAL C 67 6.45 1.50 -14.91
CA VAL C 67 7.16 1.66 -16.17
C VAL C 67 6.20 2.07 -17.28
N GLN C 68 5.05 1.40 -17.35
CA GLN C 68 4.10 1.71 -18.40
C GLN C 68 3.68 3.18 -18.35
N LEU C 69 3.34 3.68 -17.17
CA LEU C 69 2.94 5.08 -17.07
C LEU C 69 4.09 6.02 -17.37
N ASP C 70 5.31 5.70 -16.94
CA ASP C 70 6.45 6.53 -17.31
C ASP C 70 6.56 6.63 -18.83
N PHE C 71 6.30 5.51 -19.53
CA PHE C 71 6.37 5.47 -20.99
C PHE C 71 5.29 6.36 -21.62
N PHE C 72 4.04 6.17 -21.24
CA PHE C 72 2.96 6.95 -21.83
C PHE C 72 3.09 8.44 -21.51
N ARG C 73 3.64 8.78 -20.34
CA ARG C 73 3.95 10.17 -20.04
C ARG C 73 4.98 10.76 -21.00
N HIS C 74 5.86 9.93 -21.56
CA HIS C 74 6.93 10.44 -22.42
C HIS C 74 6.69 10.25 -23.93
N VAL C 75 5.71 9.44 -24.34
CA VAL C 75 5.37 9.28 -25.75
C VAL C 75 3.86 9.41 -25.92
N ASP C 76 3.44 10.33 -26.78
CA ASP C 76 2.02 10.57 -27.03
C ASP C 76 1.42 9.48 -27.91
N VAL C 77 0.28 8.93 -27.49
CA VAL C 77 -0.47 7.99 -28.32
C VAL C 77 -1.97 8.32 -28.27
N GLY C 78 -2.47 8.74 -27.10
CA GLY C 78 -3.88 9.08 -26.95
C GLY C 78 -4.84 7.91 -27.09
N ILE C 84 -8.86 2.75 -21.93
CA ILE C 84 -8.00 1.59 -22.02
C ILE C 84 -8.45 0.47 -21.09
N VAL C 85 -8.55 -0.74 -21.62
CA VAL C 85 -8.88 -1.92 -20.84
C VAL C 85 -7.77 -2.94 -21.03
N GLN C 86 -7.40 -3.63 -19.95
CA GLN C 86 -6.39 -4.67 -20.02
C GLN C 86 -7.06 -6.02 -20.22
N VAL C 87 -6.73 -6.67 -21.35
CA VAL C 87 -7.46 -7.86 -21.77
C VAL C 87 -6.73 -9.16 -21.45
N ASP C 88 -5.44 -9.11 -21.13
CA ASP C 88 -4.64 -10.32 -20.95
C ASP C 88 -3.50 -10.00 -20.00
N GLN C 89 -3.13 -10.96 -19.16
CA GLN C 89 -1.97 -10.80 -18.30
C GLN C 89 -1.24 -12.12 -18.16
N ARG C 90 0.09 -12.07 -18.29
CA ARG C 90 0.97 -13.24 -18.30
C ARG C 90 2.22 -12.98 -17.48
N PHE C 91 2.60 -13.93 -16.62
CA PHE C 91 3.81 -13.84 -15.83
C PHE C 91 4.68 -15.07 -16.08
N VAL C 92 5.98 -14.85 -16.25
CA VAL C 92 6.95 -15.94 -16.40
C VAL C 92 8.03 -15.76 -15.34
N PHE C 93 8.10 -16.71 -14.42
CA PHE C 93 9.02 -16.62 -13.28
C PHE C 93 10.22 -17.48 -13.61
N HIS C 94 11.32 -16.81 -13.98
CA HIS C 94 12.59 -17.49 -14.19
C HIS C 94 13.34 -17.69 -12.89
N LYS C 95 13.15 -16.80 -11.93
CA LYS C 95 13.61 -16.99 -10.56
C LYS C 95 12.49 -16.56 -9.65
N PRO C 96 12.42 -17.10 -8.44
CA PRO C 96 11.43 -16.62 -7.48
C PRO C 96 11.81 -15.21 -7.05
N VAL C 97 10.79 -14.36 -6.91
CA VAL C 97 11.00 -12.97 -6.51
C VAL C 97 10.66 -12.86 -5.03
N LEU C 98 11.66 -12.47 -4.23
CA LEU C 98 11.54 -12.45 -2.80
C LEU C 98 11.58 -11.04 -2.23
N ALA C 99 11.13 -10.94 -0.99
CA ALA C 99 11.25 -9.68 -0.26
C ALA C 99 12.72 -9.34 -0.12
N GLY C 100 13.04 -8.06 -0.32
CA GLY C 100 14.40 -7.62 -0.34
C GLY C 100 15.04 -7.60 -1.72
N ASP C 101 14.42 -8.21 -2.73
CA ASP C 101 15.02 -8.22 -4.05
C ASP C 101 15.03 -6.83 -4.68
N LYS C 102 16.13 -6.50 -5.33
CA LYS C 102 16.28 -5.26 -6.10
C LYS C 102 16.07 -5.59 -7.58
N LEU C 103 15.13 -4.92 -8.21
CA LEU C 103 14.72 -5.25 -9.56
C LEU C 103 14.87 -4.05 -10.49
N TRP C 104 15.33 -4.32 -11.72
CA TRP C 104 15.41 -3.32 -12.76
C TRP C 104 14.42 -3.68 -13.86
N ALA C 105 13.62 -2.71 -14.27
CA ALA C 105 12.53 -2.93 -15.18
C ALA C 105 12.87 -2.39 -16.56
N ARG C 106 12.36 -3.07 -17.57
CA ARG C 106 12.59 -2.72 -18.96
C ARG C 106 11.36 -3.16 -19.73
N MET C 107 10.66 -2.21 -20.33
CA MET C 107 9.46 -2.51 -21.09
C MET C 107 9.78 -2.46 -22.58
N ASP C 108 9.45 -3.53 -23.30
CA ASP C 108 9.49 -3.51 -24.75
C ASP C 108 8.07 -3.49 -25.32
N ILE C 109 7.93 -2.86 -26.48
CA ILE C 109 6.68 -2.95 -27.23
C ILE C 109 6.73 -4.24 -28.04
N HIS C 110 5.94 -5.22 -27.60
CA HIS C 110 5.99 -6.55 -28.19
C HIS C 110 5.20 -6.61 -29.49
N SER C 111 4.05 -5.93 -29.54
CA SER C 111 3.17 -5.99 -30.70
C SER C 111 2.29 -4.76 -30.70
N VAL C 112 1.91 -4.32 -31.91
CA VAL C 112 0.96 -3.24 -32.10
C VAL C 112 0.02 -3.69 -33.21
N ASP C 113 -1.28 -3.64 -32.96
CA ASP C 113 -2.28 -3.96 -33.96
C ASP C 113 -3.37 -2.89 -33.95
N GLU C 114 -4.39 -3.15 -34.77
CA GLU C 114 -5.63 -2.39 -34.74
C GLU C 114 -6.74 -3.21 -35.39
N ARG C 115 -6.97 -4.41 -34.86
CA ARG C 115 -8.08 -5.25 -35.29
C ARG C 115 -9.41 -4.55 -35.01
N PHE C 116 -10.42 -4.88 -35.84
CA PHE C 116 -11.83 -4.48 -35.73
C PHE C 116 -12.11 -3.35 -34.75
N GLY C 117 -11.78 -2.12 -35.13
CA GLY C 117 -12.16 -0.99 -34.31
C GLY C 117 -11.03 -0.12 -33.81
N ALA C 118 -10.31 -0.60 -32.80
CA ALA C 118 -9.31 0.22 -32.13
C ALA C 118 -7.99 -0.55 -32.03
N ASP C 119 -7.08 -0.07 -31.18
CA ASP C 119 -5.68 -0.44 -31.18
C ASP C 119 -5.39 -1.52 -30.13
N ILE C 120 -4.35 -2.34 -30.40
CA ILE C 120 -3.98 -3.48 -29.56
C ILE C 120 -2.47 -3.42 -29.34
N VAL C 121 -2.05 -3.05 -28.14
CA VAL C 121 -0.63 -3.01 -27.82
C VAL C 121 -0.31 -4.06 -26.77
N VAL C 122 0.75 -4.83 -27.02
CA VAL C 122 1.23 -5.83 -26.09
C VAL C 122 2.56 -5.32 -25.54
N THR C 123 2.58 -4.98 -24.26
CA THR C 123 3.80 -4.62 -23.59
C THR C 123 4.43 -5.86 -22.95
N ARG C 124 5.76 -5.91 -22.98
CA ARG C 124 6.54 -6.95 -22.32
C ARG C 124 7.42 -6.25 -21.29
N ASN C 125 7.16 -6.51 -20.01
CA ASN C 125 7.95 -5.94 -18.93
C ASN C 125 8.98 -6.97 -18.50
N LEU C 126 10.25 -6.65 -18.73
CA LEU C 126 11.39 -7.45 -18.33
C LEU C 126 11.90 -7.01 -16.96
N CYS C 127 12.14 -7.97 -16.06
CA CYS C 127 12.67 -7.67 -14.73
C CYS C 127 13.97 -8.44 -14.53
N THR C 128 15.03 -7.70 -14.23
CA THR C 128 16.34 -8.23 -13.96
C THR C 128 16.78 -7.76 -12.57
N ASN C 129 17.74 -8.47 -11.96
CA ASN C 129 18.22 -8.08 -10.64
C ASN C 129 19.58 -7.43 -10.75
N ASP C 130 20.20 -7.14 -9.59
CA ASP C 130 21.46 -6.40 -9.55
C ASP C 130 22.59 -7.10 -10.27
N ASP C 131 22.53 -8.41 -10.46
CA ASP C 131 23.55 -9.10 -11.23
C ASP C 131 23.25 -9.16 -12.72
N GLY C 132 22.13 -8.60 -13.16
CA GLY C 132 21.81 -8.65 -14.58
C GLY C 132 21.18 -9.95 -15.05
N GLU C 133 20.87 -10.87 -14.15
CA GLU C 133 20.16 -12.08 -14.55
C GLU C 133 18.65 -11.82 -14.59
N LEU C 134 17.96 -12.59 -15.42
CA LEU C 134 16.54 -12.38 -15.66
C LEU C 134 15.71 -13.13 -14.62
N VAL C 135 14.87 -12.39 -13.90
CA VAL C 135 14.08 -13.00 -12.85
C VAL C 135 12.64 -13.16 -13.29
N MET C 136 12.15 -12.28 -14.15
CA MET C 136 10.74 -12.35 -14.54
C MET C 136 10.48 -11.58 -15.82
N GLU C 137 9.50 -12.07 -16.59
CA GLU C 137 8.91 -11.32 -17.69
C GLU C 137 7.41 -11.25 -17.47
N ALA C 138 6.82 -10.12 -17.84
CA ALA C 138 5.38 -9.90 -17.70
C ALA C 138 4.86 -9.32 -19.00
N TYR C 139 3.85 -9.97 -19.58
CA TYR C 139 3.23 -9.52 -20.82
C TYR C 139 1.84 -8.99 -20.49
N THR C 140 1.59 -7.74 -20.86
CA THR C 140 0.28 -7.13 -20.70
C THR C 140 -0.26 -6.77 -22.07
N THR C 141 -1.53 -7.09 -22.30
CA THR C 141 -2.20 -6.76 -23.55
C THR C 141 -3.24 -5.68 -23.26
N LEU C 142 -3.04 -4.50 -23.85
CA LEU C 142 -3.94 -3.37 -23.68
C LEU C 142 -4.74 -3.16 -24.96
N MET C 143 -5.93 -2.58 -24.81
CA MET C 143 -6.84 -2.40 -25.92
C MET C 143 -7.38 -0.97 -25.95
N GLY C 144 -7.78 -0.52 -27.14
CA GLY C 144 -8.23 0.85 -27.33
C GLY C 144 -9.73 1.07 -27.41
N MET D 1 2.52 -26.87 5.14
CA MET D 1 2.20 -26.98 3.72
C MET D 1 3.45 -26.96 2.84
N ALA D 2 3.76 -28.12 2.27
CA ALA D 2 5.00 -28.37 1.53
C ALA D 2 4.71 -28.63 0.06
N LEU D 3 5.79 -28.73 -0.72
CA LEU D 3 5.67 -28.84 -2.17
C LEU D 3 5.09 -30.20 -2.55
N ARG D 4 4.00 -30.18 -3.29
CA ARG D 4 3.33 -31.39 -3.75
C ARG D 4 4.23 -32.34 -4.51
N GLU D 5 4.15 -33.63 -4.21
CA GLU D 5 4.95 -34.59 -4.95
C GLU D 5 4.41 -34.79 -6.36
N PHE D 6 5.33 -34.72 -7.33
CA PHE D 6 5.04 -34.93 -8.74
C PHE D 6 4.48 -36.32 -9.01
N SER D 7 5.03 -37.32 -8.34
CA SER D 7 4.64 -38.69 -8.65
C SER D 7 3.19 -38.96 -8.27
N SER D 8 2.59 -38.09 -7.46
CA SER D 8 1.21 -38.27 -7.05
C SER D 8 0.18 -37.65 -7.99
N VAL D 9 0.58 -36.91 -9.02
CA VAL D 9 -0.37 -36.15 -9.84
C VAL D 9 -0.51 -36.82 -11.21
N LYS D 10 -1.75 -36.98 -11.68
CA LYS D 10 -2.15 -37.44 -13.00
C LYS D 10 -2.98 -36.40 -13.73
N VAL D 11 -2.80 -36.38 -15.05
CA VAL D 11 -3.63 -35.57 -15.95
C VAL D 11 -5.09 -35.88 -15.70
N GLY D 12 -5.89 -34.83 -15.60
CA GLY D 12 -7.32 -34.98 -15.40
C GLY D 12 -7.71 -34.83 -13.95
N ASP D 13 -6.73 -34.79 -13.05
CA ASP D 13 -7.01 -34.61 -11.64
C ASP D 13 -7.71 -33.27 -11.47
N GLN D 14 -8.70 -33.22 -10.57
CA GLN D 14 -9.39 -31.97 -10.33
C GLN D 14 -8.88 -31.38 -9.04
N LEU D 15 -8.76 -30.05 -9.01
CA LEU D 15 -8.38 -29.35 -7.80
C LEU D 15 -9.58 -29.23 -6.87
N PRO D 16 -9.36 -29.10 -5.56
CA PRO D 16 -10.51 -28.83 -4.69
C PRO D 16 -11.10 -27.49 -5.07
N GLU D 17 -12.42 -27.42 -5.02
CA GLU D 17 -13.07 -26.15 -5.30
C GLU D 17 -12.82 -25.19 -4.14
N LYS D 18 -12.67 -23.91 -4.47
CA LYS D 18 -12.56 -22.94 -3.40
C LYS D 18 -13.39 -21.73 -3.79
N THR D 19 -14.13 -21.24 -2.81
CA THR D 19 -14.97 -20.06 -2.98
C THR D 19 -14.37 -18.90 -2.18
N TYR D 20 -14.24 -17.74 -2.82
CA TYR D 20 -13.74 -16.62 -2.04
C TYR D 20 -14.75 -15.50 -1.93
N PRO D 21 -15.05 -14.97 -0.75
CA PRO D 21 -15.89 -13.77 -0.70
C PRO D 21 -15.08 -12.50 -0.98
N LEU D 22 -15.76 -11.53 -1.61
CA LEU D 22 -15.30 -10.16 -1.86
C LEU D 22 -16.36 -9.09 -1.72
N THR D 23 -16.03 -8.10 -0.92
CA THR D 23 -16.88 -7.01 -0.55
C THR D 23 -16.29 -5.72 -1.09
N ARG D 24 -17.08 -4.65 -0.99
CA ARG D 24 -16.62 -3.36 -1.49
C ARG D 24 -15.36 -2.92 -0.76
N GLN D 25 -15.28 -3.22 0.54
CA GLN D 25 -14.09 -2.91 1.32
C GLN D 25 -12.84 -3.53 0.72
N ASP D 26 -12.96 -4.75 0.19
CA ASP D 26 -11.83 -5.40 -0.46
C ASP D 26 -11.40 -4.61 -1.67
N LEU D 27 -12.40 -4.10 -2.40
CA LEU D 27 -12.12 -3.32 -3.60
C LEU D 27 -11.41 -2.02 -3.22
N VAL D 28 -11.90 -1.36 -2.16
CA VAL D 28 -11.30 -0.11 -1.69
C VAL D 28 -9.88 -0.35 -1.22
N ASN D 29 -9.68 -1.43 -0.44
CA ASN D 29 -8.34 -1.76 0.01
C ASN D 29 -7.41 -1.99 -1.18
N TYR D 30 -7.87 -2.77 -2.15
CA TYR D 30 -7.00 -3.11 -3.28
C TYR D 30 -6.62 -1.88 -4.08
N ALA D 31 -7.55 -0.92 -4.22
CA ALA D 31 -7.26 0.29 -4.98
C ALA D 31 -6.02 0.97 -4.44
N GLY D 32 -5.98 1.20 -3.13
CA GLY D 32 -4.85 1.89 -2.52
C GLY D 32 -3.60 1.04 -2.49
N VAL D 33 -3.75 -0.27 -2.26
CA VAL D 33 -2.59 -1.15 -2.19
C VAL D 33 -1.89 -1.20 -3.55
N SER D 34 -2.67 -1.27 -4.63
CA SER D 34 -2.14 -1.48 -5.96
C SER D 34 -1.79 -0.17 -6.67
N GLY D 35 -2.36 0.93 -6.24
CA GLY D 35 -2.26 2.20 -6.93
C GLY D 35 -3.29 2.42 -8.03
N ASP D 36 -4.13 1.43 -8.34
CA ASP D 36 -5.14 1.63 -9.40
C ASP D 36 -6.36 2.24 -8.72
N LEU D 37 -6.50 3.56 -8.86
CA LEU D 37 -7.54 4.28 -8.16
C LEU D 37 -8.74 4.60 -9.05
N ASN D 38 -8.84 3.96 -10.21
CA ASN D 38 -9.91 4.12 -11.17
C ASN D 38 -11.28 4.02 -10.45
N PRO D 39 -12.13 5.05 -10.53
CA PRO D 39 -13.35 5.04 -9.71
C PRO D 39 -14.42 4.04 -10.15
N ILE D 40 -14.26 3.35 -11.28
CA ILE D 40 -15.24 2.32 -11.62
C ILE D 40 -15.21 1.15 -10.66
N HIS D 41 -14.16 1.07 -9.83
CA HIS D 41 -14.06 0.00 -8.84
C HIS D 41 -14.56 0.43 -7.47
N TRP D 42 -15.01 1.67 -7.30
CA TRP D 42 -15.52 2.07 -6.00
C TRP D 42 -16.61 3.14 -5.96
N ASP D 43 -17.06 3.66 -7.10
CA ASP D 43 -18.10 4.68 -7.16
C ASP D 43 -19.16 4.14 -8.12
N ASP D 44 -20.34 3.80 -7.59
CA ASP D 44 -21.41 3.24 -8.41
C ASP D 44 -21.84 4.19 -9.53
N GLU D 45 -21.83 5.51 -9.29
CA GLU D 45 -22.35 6.45 -10.31
C GLU D 45 -21.43 6.49 -11.52
N ILE D 46 -20.11 6.36 -11.30
CA ILE D 46 -19.17 6.30 -12.40
C ILE D 46 -19.42 5.01 -13.17
N ALA D 47 -19.69 3.93 -12.46
CA ALA D 47 -20.03 2.69 -13.14
C ALA D 47 -21.18 2.93 -14.13
N LYS D 48 -22.21 3.69 -13.72
CA LYS D 48 -23.34 3.91 -14.61
C LYS D 48 -22.99 4.70 -15.88
N VAL D 49 -22.15 5.74 -15.78
CA VAL D 49 -21.80 6.48 -17.00
C VAL D 49 -21.22 5.57 -18.09
N VAL D 50 -20.46 4.54 -17.71
CA VAL D 50 -19.91 3.63 -18.72
C VAL D 50 -20.72 2.34 -18.86
N GLY D 51 -21.95 2.30 -18.37
CA GLY D 51 -22.84 1.19 -18.67
C GLY D 51 -22.85 -0.01 -17.75
N LEU D 52 -22.35 0.11 -16.53
CA LEU D 52 -22.38 -1.05 -15.64
C LEU D 52 -23.42 -0.85 -14.56
N ASP D 53 -23.82 -1.97 -13.97
CA ASP D 53 -24.81 -1.94 -12.92
C ASP D 53 -24.21 -1.42 -11.61
N THR D 54 -22.93 -1.71 -11.34
CA THR D 54 -22.32 -1.40 -10.06
C THR D 54 -20.81 -1.44 -10.24
N ALA D 55 -20.09 -0.97 -9.22
CA ALA D 55 -18.64 -1.01 -9.25
C ALA D 55 -18.18 -2.45 -9.40
N ILE D 56 -17.01 -2.64 -10.01
CA ILE D 56 -16.53 -3.98 -10.33
C ILE D 56 -15.15 -4.20 -9.75
N ALA D 57 -14.84 -5.46 -9.50
CA ALA D 57 -13.54 -5.80 -8.96
C ALA D 57 -12.48 -5.49 -10.02
N HIS D 58 -11.30 -5.09 -9.56
CA HIS D 58 -10.18 -4.98 -10.49
C HIS D 58 -9.85 -6.33 -11.11
N GLY D 59 -9.52 -6.30 -12.40
CA GLY D 59 -9.11 -7.53 -13.05
C GLY D 59 -7.90 -8.12 -12.36
N MET D 60 -6.95 -7.27 -11.96
CA MET D 60 -5.73 -7.80 -11.35
C MET D 60 -5.99 -8.32 -9.95
N LEU D 61 -7.04 -7.80 -9.28
CA LEU D 61 -7.45 -8.35 -8.00
C LEU D 61 -7.95 -9.78 -8.16
N THR D 62 -8.78 -10.01 -9.17
CA THR D 62 -9.30 -11.36 -9.33
C THR D 62 -8.21 -12.30 -9.79
N MET D 63 -7.28 -11.80 -10.61
CA MET D 63 -6.13 -12.60 -10.99
C MET D 63 -5.24 -12.88 -9.79
N GLY D 64 -5.09 -11.89 -8.91
CA GLY D 64 -4.26 -12.07 -7.73
C GLY D 64 -4.82 -13.17 -6.86
N ILE D 65 -6.14 -13.17 -6.69
CA ILE D 65 -6.81 -14.21 -5.92
C ILE D 65 -6.53 -15.56 -6.52
N GLY D 66 -6.59 -15.66 -7.85
CA GLY D 66 -6.24 -16.91 -8.50
C GLY D 66 -4.84 -17.34 -8.13
N GLY D 67 -3.93 -16.38 -7.95
CA GLY D 67 -2.57 -16.74 -7.58
C GLY D 67 -2.56 -17.38 -6.21
N GLY D 68 -3.36 -16.86 -5.29
CA GLY D 68 -3.43 -17.46 -3.97
C GLY D 68 -3.97 -18.87 -4.09
N TYR D 69 -5.02 -19.03 -4.89
CA TYR D 69 -5.64 -20.33 -5.13
C TYR D 69 -4.61 -21.33 -5.61
N VAL D 70 -3.84 -20.96 -6.62
CA VAL D 70 -2.96 -21.94 -7.25
C VAL D 70 -1.84 -22.26 -6.29
N THR D 71 -1.41 -21.29 -5.48
CA THR D 71 -0.29 -21.59 -4.61
C THR D 71 -0.64 -22.55 -3.48
N SER D 72 -1.87 -22.50 -2.97
CA SER D 72 -2.23 -23.45 -1.92
C SER D 72 -2.26 -24.89 -2.40
N TRP D 73 -2.70 -25.13 -3.64
CA TRP D 73 -2.70 -26.48 -4.17
C TRP D 73 -1.28 -26.97 -4.44
N VAL D 74 -0.46 -26.12 -5.05
CA VAL D 74 0.94 -26.44 -5.35
C VAL D 74 1.74 -26.69 -4.08
N GLY D 75 1.59 -25.81 -3.08
CA GLY D 75 2.29 -25.99 -1.84
C GLY D 75 3.55 -25.17 -1.69
N ASP D 76 3.86 -24.30 -2.67
CA ASP D 76 5.06 -23.49 -2.66
C ASP D 76 4.95 -22.39 -3.71
N PRO D 77 4.83 -21.12 -3.30
CA PRO D 77 4.77 -20.03 -4.29
C PRO D 77 5.97 -19.97 -5.20
N GLY D 78 7.14 -20.33 -4.68
CA GLY D 78 8.39 -20.34 -5.41
C GLY D 78 8.47 -21.34 -6.53
N ALA D 79 7.56 -22.31 -6.54
CA ALA D 79 7.58 -23.37 -7.54
C ALA D 79 6.85 -23.00 -8.81
N VAL D 80 6.04 -21.96 -8.78
CA VAL D 80 5.20 -21.62 -9.92
C VAL D 80 6.05 -20.93 -10.98
N THR D 81 5.91 -21.38 -12.23
CA THR D 81 6.72 -20.92 -13.35
C THR D 81 5.94 -20.03 -14.31
N GLU D 82 4.62 -20.13 -14.34
CA GLU D 82 3.81 -19.25 -15.19
C GLU D 82 2.38 -19.18 -14.68
N TYR D 83 1.74 -18.06 -14.97
CA TYR D 83 0.34 -17.79 -14.63
C TYR D 83 -0.18 -16.79 -15.65
N ASN D 84 -1.11 -17.23 -16.50
CA ASN D 84 -1.61 -16.47 -17.66
C ASN D 84 -3.13 -16.43 -17.63
N VAL D 85 -3.71 -15.24 -17.75
CA VAL D 85 -5.17 -15.05 -17.70
C VAL D 85 -5.71 -14.05 -18.72
N ARG D 86 -6.77 -14.44 -19.44
CA ARG D 86 -7.53 -13.55 -20.32
C ARG D 86 -8.78 -13.10 -19.55
N PHE D 87 -9.08 -11.80 -19.54
CA PHE D 87 -10.23 -11.27 -18.80
C PHE D 87 -11.46 -11.13 -19.69
N THR D 88 -12.42 -12.06 -19.57
CA THR D 88 -13.59 -12.03 -20.44
C THR D 88 -14.83 -11.39 -19.79
N ALA D 89 -14.98 -11.38 -18.47
CA ALA D 89 -16.21 -10.92 -17.84
C ALA D 89 -15.88 -9.96 -16.71
N VAL D 90 -16.81 -9.06 -16.39
CA VAL D 90 -16.67 -8.19 -15.22
C VAL D 90 -17.23 -8.89 -14.00
N VAL D 91 -16.76 -8.47 -12.83
CA VAL D 91 -17.16 -9.03 -11.55
C VAL D 91 -17.82 -7.94 -10.75
N PRO D 92 -19.15 -7.87 -10.75
CA PRO D 92 -19.82 -6.82 -9.98
C PRO D 92 -19.67 -7.09 -8.50
N VAL D 93 -19.41 -6.04 -7.73
CA VAL D 93 -19.29 -6.19 -6.29
C VAL D 93 -20.22 -5.19 -5.62
N PRO D 94 -21.48 -5.59 -5.38
CA PRO D 94 -22.47 -4.65 -4.82
C PRO D 94 -22.08 -4.20 -3.42
N ASN D 95 -22.39 -2.95 -3.12
CA ASN D 95 -22.16 -2.40 -1.79
C ASN D 95 -23.40 -2.62 -0.92
N ASP D 96 -23.72 -3.91 -0.71
CA ASP D 96 -24.97 -4.33 -0.09
C ASP D 96 -24.79 -5.08 1.24
N GLY D 97 -23.62 -5.00 1.84
CA GLY D 97 -23.24 -5.67 3.07
C GLY D 97 -22.82 -7.13 2.93
N LYS D 98 -22.94 -7.72 1.76
CA LYS D 98 -22.55 -9.10 1.49
C LYS D 98 -21.49 -9.08 0.40
N GLY D 99 -21.78 -8.41 -0.73
CA GLY D 99 -20.91 -8.36 -1.88
C GLY D 99 -21.05 -9.53 -2.81
N ALA D 100 -19.96 -9.98 -3.39
CA ALA D 100 -20.03 -11.02 -4.40
C ALA D 100 -19.17 -12.19 -3.97
N GLU D 101 -19.36 -13.31 -4.66
CA GLU D 101 -18.52 -14.48 -4.45
C GLU D 101 -17.95 -15.00 -5.76
N LEU D 102 -16.66 -15.29 -5.74
CA LEU D 102 -15.94 -15.88 -6.86
C LEU D 102 -15.58 -17.32 -6.52
N VAL D 103 -15.93 -18.24 -7.41
CA VAL D 103 -15.69 -19.67 -7.22
C VAL D 103 -14.61 -20.11 -8.21
N PHE D 104 -13.51 -20.63 -7.69
CA PHE D 104 -12.38 -21.06 -8.52
C PHE D 104 -12.34 -22.58 -8.64
N ASN D 105 -12.06 -23.05 -9.86
CA ASN D 105 -11.87 -24.46 -10.15
C ASN D 105 -10.71 -24.64 -11.12
N GLY D 106 -10.24 -25.88 -11.19
CA GLY D 106 -9.09 -26.22 -12.01
C GLY D 106 -9.00 -27.69 -12.33
N ARG D 107 -8.34 -27.98 -13.44
CA ARG D 107 -8.10 -29.35 -13.91
C ARG D 107 -6.69 -29.43 -14.45
N VAL D 108 -6.03 -30.55 -14.18
CA VAL D 108 -4.69 -30.70 -14.72
C VAL D 108 -4.81 -30.97 -16.21
N LYS D 109 -4.18 -30.10 -17.00
CA LYS D 109 -4.25 -30.14 -18.45
C LYS D 109 -3.05 -30.84 -19.09
N SER D 110 -1.86 -30.72 -18.49
CA SER D 110 -0.67 -31.31 -19.09
C SER D 110 0.38 -31.50 -18.02
N VAL D 111 1.24 -32.48 -18.26
CA VAL D 111 2.41 -32.73 -17.42
C VAL D 111 3.55 -33.02 -18.37
N ASP D 112 4.78 -32.77 -17.91
CA ASP D 112 5.98 -33.02 -18.70
C ASP D 112 6.98 -33.64 -17.74
N PRO D 113 7.18 -34.96 -17.78
CA PRO D 113 8.04 -35.62 -16.78
C PRO D 113 9.50 -35.19 -16.80
N GLU D 114 10.02 -34.69 -17.92
CA GLU D 114 11.43 -34.33 -17.99
C GLU D 114 11.76 -33.14 -17.10
N SER D 115 10.80 -32.25 -16.85
CA SER D 115 11.04 -31.04 -16.08
C SER D 115 10.26 -31.08 -14.77
N LYS D 116 9.49 -32.16 -14.56
CA LYS D 116 8.59 -32.34 -13.44
C LYS D 116 7.55 -31.21 -13.33
N SER D 117 7.23 -30.59 -14.46
CA SER D 117 6.26 -29.52 -14.55
C SER D 117 4.82 -30.03 -14.70
N VAL D 118 3.87 -29.28 -14.12
CA VAL D 118 2.47 -29.55 -14.39
C VAL D 118 1.88 -28.23 -14.84
N THR D 119 0.87 -28.32 -15.72
CA THR D 119 0.11 -27.16 -16.17
C THR D 119 -1.36 -27.35 -15.87
N ILE D 120 -1.94 -26.41 -15.13
CA ILE D 120 -3.35 -26.48 -14.77
C ILE D 120 -4.09 -25.44 -15.59
N ALA D 121 -5.24 -25.81 -16.14
CA ALA D 121 -6.14 -24.81 -16.72
C ALA D 121 -7.18 -24.52 -15.65
N LEU D 122 -7.41 -23.26 -15.40
CA LEU D 122 -8.34 -22.83 -14.38
C LEU D 122 -9.60 -22.20 -14.94
N THR D 123 -10.68 -22.29 -14.14
CA THR D 123 -11.89 -21.55 -14.41
C THR D 123 -12.31 -20.86 -13.13
N ALA D 124 -12.84 -19.65 -13.31
CA ALA D 124 -13.40 -18.87 -12.22
C ALA D 124 -14.74 -18.34 -12.68
N THR D 125 -15.77 -18.49 -11.88
CA THR D 125 -17.06 -17.95 -12.23
C THR D 125 -17.65 -17.09 -11.11
N THR D 126 -18.59 -16.22 -11.50
CA THR D 126 -19.35 -15.41 -10.57
C THR D 126 -20.81 -15.38 -11.04
N GLY D 127 -21.72 -15.75 -10.15
CA GLY D 127 -23.11 -15.98 -10.51
C GLY D 127 -23.25 -16.88 -11.73
N GLY D 128 -22.34 -17.84 -11.86
CA GLY D 128 -22.40 -18.84 -12.91
C GLY D 128 -21.73 -18.45 -14.21
N LYS D 129 -21.29 -17.19 -14.35
CA LYS D 129 -20.71 -16.71 -15.60
C LYS D 129 -19.18 -16.67 -15.45
N LYS D 130 -18.47 -17.19 -16.46
CA LYS D 130 -17.00 -17.23 -16.42
C LYS D 130 -16.42 -15.83 -16.53
N ILE D 131 -15.37 -15.59 -15.75
CA ILE D 131 -14.69 -14.31 -15.77
C ILE D 131 -13.36 -14.40 -16.47
N PHE D 132 -12.86 -15.60 -16.71
CA PHE D 132 -11.63 -15.77 -17.48
C PHE D 132 -11.91 -16.54 -18.76
N GLY D 133 -11.06 -16.27 -19.75
CA GLY D 133 -10.91 -17.05 -20.96
C GLY D 133 -9.75 -17.97 -20.70
N ARG D 134 -8.76 -18.01 -21.60
CA ARG D 134 -7.57 -18.79 -21.34
C ARG D 134 -7.02 -18.46 -19.96
N ALA D 135 -6.86 -19.48 -19.12
CA ALA D 135 -6.37 -19.27 -17.75
C ALA D 135 -5.58 -20.50 -17.33
N ILE D 136 -4.25 -20.38 -17.27
CA ILE D 136 -3.39 -21.52 -16.97
C ILE D 136 -2.30 -21.10 -16.00
N ALA D 137 -1.80 -22.06 -15.23
CA ALA D 137 -0.65 -21.88 -14.36
C ALA D 137 0.22 -23.13 -14.44
N SER D 138 1.54 -22.96 -14.40
CA SER D 138 2.44 -24.10 -14.34
C SER D 138 3.38 -24.00 -13.14
N ALA D 139 3.91 -25.16 -12.73
CA ALA D 139 4.82 -25.23 -11.60
C ALA D 139 5.70 -26.47 -11.72
N LYS D 140 6.88 -26.40 -11.12
CA LYS D 140 7.80 -27.54 -11.00
C LYS D 140 7.65 -28.19 -9.64
N LEU D 141 7.23 -29.46 -9.62
CA LEU D 141 6.92 -30.15 -8.39
C LEU D 141 8.15 -30.94 -7.89
N ALA D 142 8.00 -31.53 -6.70
CA ALA D 142 9.11 -32.18 -5.97
C ALA D 142 9.43 -33.60 -6.42
#